data_1BY7
#
_entry.id   1BY7
#
_cell.length_a   138.820
_cell.length_b   41.730
_cell.length_c   77.400
_cell.angle_alpha   90.00
_cell.angle_beta   114.88
_cell.angle_gamma   90.00
#
_symmetry.space_group_name_H-M   'C 1 2 1'
#
loop_
_entity.id
_entity.type
_entity.pdbx_description
1 polymer 'PROTEIN (PLASMINOGEN ACTIVATOR INHIBITOR-2)'
2 water water
#
_entity_poly.entity_id   1
_entity_poly.type   'polypeptide(L)'
_entity_poly.pdbx_seq_one_letter_code
;MEDLCVANTLFALNLFKHLAKASPTQNLFLSPWSISSTMAMVYMGSRGSTEDQMAKVLQFNEVGAAADKIHSSFRSLSSA
INASTGNYLLESVNKLFGEKSASFREEYIRLCQKYYSSEPQAVDFLECAEEARKKINSWVKTQTKGKIPNLLPEGSVDGD
TRMVLVNAVYFKGKWKTPFEKKLNGLYPFRVNSAQRTPVQMMYLREKLNIGYIEDLKAQILELPYAGDVSMFLLLPDEIA
DVSTGLELLESEITYDKLNKWTSKDKMAEDEVEVYIPQFKLEEHYELRSILRSMGMEDAFNKGRANFSGMSERNDLFLSE
VFHQAMVDVNEEGTEAAAGTGGVMTGRTGHGGPQFVADHPFLFLIMHKITNCILFFGRFSSP
;
_entity_poly.pdbx_strand_id   A
#
# COMPACT_ATOMS: atom_id res chain seq x y z
N GLU A 2 10.00 16.26 9.47
CA GLU A 2 10.82 15.11 9.94
C GLU A 2 9.87 14.01 10.42
N ASP A 3 9.75 12.96 9.59
CA ASP A 3 8.87 11.86 9.93
C ASP A 3 8.72 10.94 8.72
N LEU A 4 9.04 9.67 8.93
CA LEU A 4 8.86 8.68 7.92
C LEU A 4 7.34 8.55 7.65
N CYS A 5 6.47 8.81 8.64
CA CYS A 5 5.04 8.60 8.40
C CYS A 5 4.49 9.75 7.56
N VAL A 6 5.12 10.92 7.65
CA VAL A 6 4.74 12.04 6.76
C VAL A 6 5.20 11.72 5.32
N ALA A 7 6.44 11.25 5.20
CA ALA A 7 6.95 10.86 3.88
C ALA A 7 6.04 9.75 3.32
N ASN A 8 5.75 8.75 4.18
CA ASN A 8 4.89 7.67 3.66
C ASN A 8 3.56 8.15 3.08
N THR A 9 2.95 9.16 3.69
CA THR A 9 1.68 9.70 3.22
C THR A 9 1.83 10.47 1.95
N LEU A 10 2.87 11.29 1.88
CA LEU A 10 3.17 11.97 0.61
C LEU A 10 3.30 10.94 -0.52
N PHE A 11 4.21 9.98 -0.29
CA PHE A 11 4.44 8.90 -1.26
C PHE A 11 3.17 8.12 -1.57
N ALA A 12 2.41 7.73 -0.52
CA ALA A 12 1.16 6.95 -0.79
C ALA A 12 0.18 7.65 -1.71
N LEU A 13 0.04 8.99 -1.54
CA LEU A 13 -0.93 9.71 -2.38
C LEU A 13 -0.40 9.82 -3.80
N ASN A 14 0.91 10.12 -3.92
CA ASN A 14 1.51 10.16 -5.28
C ASN A 14 1.47 8.84 -6.01
N LEU A 15 1.68 7.74 -5.33
CA LEU A 15 1.64 6.38 -5.82
C LEU A 15 0.19 6.04 -6.23
N PHE A 16 -0.74 6.37 -5.35
CA PHE A 16 -2.15 6.14 -5.69
C PHE A 16 -2.51 6.93 -6.94
N LYS A 17 -2.20 8.17 -7.14
CA LYS A 17 -2.53 8.95 -8.29
C LYS A 17 -1.95 8.33 -9.59
N HIS A 18 -0.68 7.88 -9.46
CA HIS A 18 -0.02 7.36 -10.64
C HIS A 18 -0.63 6.01 -10.95
N LEU A 19 -0.93 5.24 -9.93
CA LEU A 19 -1.53 3.94 -10.11
C LEU A 19 -2.93 4.06 -10.74
N ALA A 20 -3.63 5.09 -10.29
CA ALA A 20 -4.99 5.38 -10.78
C ALA A 20 -4.96 5.81 -12.25
N LYS A 21 -3.87 6.24 -12.86
CA LYS A 21 -3.82 6.39 -14.31
C LYS A 21 -3.98 5.01 -14.94
N ALA A 22 -3.34 3.98 -14.39
CA ALA A 22 -3.36 2.62 -14.90
C ALA A 22 -4.70 1.95 -14.58
N SER A 23 -5.25 2.29 -13.46
CA SER A 23 -6.54 1.68 -12.99
C SER A 23 -7.43 2.80 -12.43
N PRO A 24 -8.13 3.50 -13.32
CA PRO A 24 -8.90 4.65 -12.99
C PRO A 24 -10.25 4.34 -12.35
N THR A 25 -10.74 3.12 -12.41
CA THR A 25 -12.08 2.86 -11.84
C THR A 25 -12.19 1.59 -11.08
N GLN A 26 -11.47 0.50 -11.33
CA GLN A 26 -11.67 -0.76 -10.65
C GLN A 26 -11.15 -0.69 -9.20
N ASN A 27 -11.40 -1.73 -8.45
CA ASN A 27 -10.95 -1.87 -7.10
C ASN A 27 -9.41 -1.62 -7.03
N LEU A 28 -8.95 -0.87 -6.03
CA LEU A 28 -7.48 -0.63 -5.89
C LEU A 28 -7.16 -0.79 -4.41
N PHE A 29 -6.04 -1.51 -4.06
CA PHE A 29 -5.71 -1.77 -2.65
C PHE A 29 -4.21 -2.10 -2.52
N LEU A 30 -3.56 -1.30 -1.66
CA LEU A 30 -2.13 -1.49 -1.46
C LEU A 30 -1.72 -1.04 -0.06
N SER A 31 -0.48 -1.44 0.32
CA SER A 31 -0.03 -0.92 1.64
C SER A 31 1.13 0.04 1.43
N PRO A 32 0.94 1.35 1.47
CA PRO A 32 2.00 2.28 1.21
C PRO A 32 3.10 1.95 2.25
N TRP A 33 2.79 1.79 3.50
CA TRP A 33 3.86 1.58 4.51
C TRP A 33 4.80 0.44 4.23
N SER A 34 4.30 -0.71 3.76
CA SER A 34 5.25 -1.79 3.45
C SER A 34 6.08 -1.52 2.18
N ILE A 35 5.46 -0.81 1.21
CA ILE A 35 6.23 -0.47 0.00
C ILE A 35 7.34 0.53 0.37
N SER A 36 6.95 1.51 1.23
CA SER A 36 7.95 2.47 1.66
C SER A 36 9.11 1.72 2.34
N SER A 37 8.87 0.83 3.25
CA SER A 37 9.87 0.17 4.06
C SER A 37 10.71 -0.80 3.21
N THR A 38 10.04 -1.56 2.34
CA THR A 38 10.82 -2.49 1.53
C THR A 38 11.60 -1.71 0.51
N MET A 39 11.09 -0.68 -0.15
CA MET A 39 11.81 0.16 -1.07
C MET A 39 12.95 0.93 -0.35
N ALA A 40 12.79 1.33 0.92
CA ALA A 40 13.86 1.93 1.70
C ALA A 40 15.04 0.97 1.88
N MET A 41 14.81 -0.32 2.07
CA MET A 41 15.88 -1.31 2.14
C MET A 41 16.67 -1.45 0.85
N VAL A 42 15.98 -1.31 -0.30
CA VAL A 42 16.64 -1.37 -1.59
C VAL A 42 17.42 -0.08 -1.77
N TYR A 43 16.91 1.06 -1.37
CA TYR A 43 17.54 2.33 -1.40
C TYR A 43 18.79 2.28 -0.48
N MET A 44 18.82 1.60 0.63
CA MET A 44 19.99 1.39 1.49
C MET A 44 21.18 0.83 0.67
N GLY A 45 20.90 -0.09 -0.29
CA GLY A 45 21.89 -0.57 -1.20
C GLY A 45 22.30 0.27 -2.37
N SER A 46 21.67 1.40 -2.60
CA SER A 46 21.84 2.21 -3.77
C SER A 46 22.77 3.40 -3.56
N ARG A 47 23.34 3.80 -4.70
CA ARG A 47 24.26 4.97 -4.61
C ARG A 47 23.99 5.92 -5.75
N GLY A 48 24.71 7.04 -5.77
CA GLY A 48 24.62 7.97 -6.89
C GLY A 48 23.23 8.48 -7.18
N SER A 49 22.91 8.64 -8.46
CA SER A 49 21.66 9.20 -8.93
C SER A 49 20.52 8.21 -8.69
N THR A 50 20.83 6.92 -8.54
CA THR A 50 19.83 5.92 -8.20
C THR A 50 19.30 6.27 -6.80
N GLU A 51 20.25 6.46 -5.89
CA GLU A 51 19.91 6.80 -4.51
C GLU A 51 19.15 8.11 -4.43
N ASP A 52 19.64 9.10 -5.18
CA ASP A 52 19.06 10.44 -5.18
C ASP A 52 17.60 10.38 -5.58
N GLN A 53 17.33 9.67 -6.67
CA GLN A 53 16.00 9.49 -7.16
C GLN A 53 15.18 8.66 -6.14
N MET A 54 15.72 7.55 -5.62
CA MET A 54 14.82 6.83 -4.68
C MET A 54 14.41 7.74 -3.49
N ALA A 55 15.32 8.48 -2.93
CA ALA A 55 15.11 9.36 -1.80
C ALA A 55 14.08 10.40 -2.19
N LYS A 56 14.10 10.93 -3.42
CA LYS A 56 13.13 11.89 -3.83
C LYS A 56 11.74 11.26 -4.00
N VAL A 57 11.62 10.09 -4.63
CA VAL A 57 10.29 9.52 -4.84
C VAL A 57 9.69 8.99 -3.56
N LEU A 58 10.49 8.41 -2.67
CA LEU A 58 10.03 8.01 -1.37
C LEU A 58 9.64 9.16 -0.43
N GLN A 59 9.94 10.38 -0.80
CA GLN A 59 9.61 11.65 -0.19
C GLN A 59 10.48 11.93 1.05
N PHE A 60 11.59 11.19 1.06
CA PHE A 60 12.52 11.32 2.20
C PHE A 60 13.10 12.72 2.20
N ASN A 61 13.42 13.26 1.06
CA ASN A 61 13.95 14.60 0.83
C ASN A 61 12.89 15.65 1.13
N GLU A 62 11.62 15.36 0.73
CA GLU A 62 10.64 16.39 1.05
C GLU A 62 10.51 16.60 2.56
N VAL A 63 10.63 15.55 3.38
CA VAL A 63 10.45 15.76 4.83
C VAL A 63 11.77 15.99 5.54
N GLY A 64 12.86 16.10 4.78
CA GLY A 64 14.19 16.33 5.33
C GLY A 64 14.66 15.07 6.07
N ALA A 66 16.98 12.64 5.76
CA ALA A 66 18.02 12.68 6.81
C ALA A 66 18.73 11.34 6.76
N ALA A 67 19.50 11.24 5.70
CA ALA A 67 20.17 10.06 5.20
C ALA A 67 20.57 8.99 6.19
N ASP A 68 21.46 9.37 7.14
CA ASP A 68 21.95 8.41 8.11
C ASP A 68 20.91 8.10 9.17
N LYS A 69 19.69 8.56 9.11
CA LYS A 69 18.69 8.22 10.11
C LYS A 69 17.51 7.41 9.58
N ILE A 70 17.38 7.31 8.27
CA ILE A 70 16.25 6.62 7.66
C ILE A 70 16.15 5.19 8.14
N HIS A 71 17.27 4.43 8.00
CA HIS A 71 17.09 2.97 8.24
C HIS A 71 16.80 2.66 9.68
N SER A 72 17.53 3.40 10.56
CA SER A 72 17.23 3.15 11.99
C SER A 72 15.82 3.65 12.22
N SER A 73 15.31 4.76 11.66
CA SER A 73 13.91 5.12 11.92
C SER A 73 12.89 4.11 11.46
N PHE A 74 13.15 3.46 10.27
CA PHE A 74 12.29 2.39 9.86
C PHE A 74 12.37 1.29 10.90
N ARG A 75 13.52 0.88 11.43
CA ARG A 75 13.49 -0.20 12.42
C ARG A 75 12.71 0.28 13.68
N SER A 76 12.84 1.52 14.11
CA SER A 76 12.05 1.96 15.30
C SER A 76 10.54 2.00 15.10
N LEU A 77 10.08 2.59 14.01
CA LEU A 77 8.72 2.64 13.55
C LEU A 77 8.04 1.30 13.42
N SER A 78 8.84 0.33 13.00
CA SER A 78 8.35 -1.02 12.77
C SER A 78 8.06 -1.64 14.14
N SER A 79 8.92 -1.34 15.14
CA SER A 79 8.61 -1.70 16.50
C SER A 79 7.32 -1.00 16.96
N ALA A 80 7.10 0.28 16.69
CA ALA A 80 5.90 0.93 17.25
C ALA A 80 4.63 0.45 16.56
N ILE A 81 4.67 0.33 15.25
CA ILE A 81 3.55 -0.18 14.45
C ILE A 81 3.27 -1.63 14.83
N ASN A 82 4.25 -2.52 14.71
CA ASN A 82 3.98 -3.92 15.05
C ASN A 82 3.57 -4.11 16.49
N LEU A 89 -5.32 -8.73 12.94
CA LEU A 89 -4.26 -9.24 12.10
C LEU A 89 -3.65 -8.26 11.07
N LEU A 90 -2.34 -8.11 11.20
CA LEU A 90 -1.47 -7.36 10.30
C LEU A 90 -0.20 -8.16 9.96
N GLU A 91 -0.24 -8.83 8.81
CA GLU A 91 0.87 -9.63 8.33
C GLU A 91 1.53 -9.06 7.08
N SER A 92 2.86 -9.00 7.15
CA SER A 92 3.69 -8.46 6.09
C SER A 92 4.92 -9.34 5.80
N VAL A 93 5.09 -9.83 4.57
CA VAL A 93 6.22 -10.66 4.27
C VAL A 93 6.95 -10.02 3.05
N ASN A 94 8.26 -10.04 3.08
CA ASN A 94 9.04 -9.45 1.98
C ASN A 94 10.34 -10.18 1.73
N LYS A 95 10.77 -10.18 0.46
CA LYS A 95 12.09 -10.79 0.19
C LYS A 95 12.66 -10.20 -1.08
N LEU A 96 13.94 -9.83 -1.00
CA LEU A 96 14.70 -9.40 -2.16
C LEU A 96 15.55 -10.54 -2.74
N PHE A 97 15.24 -10.94 -3.95
CA PHE A 97 15.91 -11.98 -4.67
C PHE A 97 16.90 -11.35 -5.66
N GLY A 98 18.10 -11.93 -5.79
CA GLY A 98 19.09 -11.27 -6.64
C GLY A 98 19.86 -12.39 -7.38
N GLU A 99 20.18 -12.05 -8.58
CA GLU A 99 20.89 -13.00 -9.48
C GLU A 99 22.21 -13.38 -8.81
N LYS A 100 22.51 -14.67 -8.62
CA LYS A 100 23.66 -15.11 -7.85
C LYS A 100 25.03 -14.63 -8.30
N SER A 101 25.29 -14.39 -9.58
CA SER A 101 26.58 -13.81 -9.95
C SER A 101 26.69 -12.35 -9.53
N ALA A 102 25.62 -11.63 -9.19
CA ALA A 102 25.84 -10.26 -8.67
C ALA A 102 25.70 -10.35 -7.15
N SER A 103 26.60 -11.05 -6.49
CA SER A 103 26.61 -11.42 -5.12
C SER A 103 26.31 -10.26 -4.18
N PHE A 104 25.41 -10.51 -3.20
CA PHE A 104 25.17 -9.47 -2.25
C PHE A 104 26.39 -9.34 -1.32
N ARG A 105 26.74 -8.11 -0.94
CA ARG A 105 27.76 -7.91 0.08
C ARG A 105 27.28 -8.50 1.40
N GLU A 106 28.18 -9.23 2.06
CA GLU A 106 28.04 -9.65 3.42
C GLU A 106 27.50 -8.50 4.25
N GLU A 107 28.04 -7.30 4.14
CA GLU A 107 27.66 -6.11 4.84
C GLU A 107 26.24 -5.66 4.45
N TYR A 108 25.83 -5.85 3.21
CA TYR A 108 24.43 -5.40 2.94
C TYR A 108 23.44 -6.33 3.63
N ILE A 109 23.74 -7.65 3.51
CA ILE A 109 22.90 -8.66 4.16
C ILE A 109 22.82 -8.36 5.66
N ARG A 110 23.94 -8.04 6.30
CA ARG A 110 23.96 -7.66 7.73
C ARG A 110 23.09 -6.41 7.96
N LEU A 111 23.08 -5.39 7.11
CA LEU A 111 22.25 -4.21 7.36
C LEU A 111 20.77 -4.51 7.09
N CYS A 112 20.48 -5.40 6.13
CA CYS A 112 19.11 -5.80 5.88
C CYS A 112 18.62 -6.49 7.17
N GLN A 113 19.42 -7.40 7.72
CA GLN A 113 18.97 -8.08 8.93
C GLN A 113 18.67 -7.06 10.03
N LYS A 114 19.70 -6.25 10.31
CA LYS A 114 19.60 -5.28 11.39
C LYS A 114 18.44 -4.28 11.26
N TYR A 115 18.30 -3.60 10.12
CA TYR A 115 17.30 -2.57 10.04
C TYR A 115 15.96 -3.06 9.57
N TYR A 116 15.90 -4.16 8.76
CA TYR A 116 14.59 -4.50 8.19
C TYR A 116 14.21 -5.91 8.55
N SER A 117 15.03 -6.66 9.29
CA SER A 117 14.85 -8.06 9.62
C SER A 117 14.51 -8.89 8.39
N SER A 118 15.28 -8.64 7.33
CA SER A 118 15.02 -9.25 6.04
C SER A 118 16.34 -9.70 5.43
N GLU A 119 16.34 -10.92 4.90
CA GLU A 119 17.50 -11.49 4.28
C GLU A 119 17.39 -11.69 2.80
N PRO A 120 18.18 -10.98 2.02
CA PRO A 120 18.26 -11.13 0.59
C PRO A 120 18.64 -12.59 0.23
N GLN A 121 18.12 -13.10 -0.87
CA GLN A 121 18.38 -14.50 -1.27
C GLN A 121 18.84 -14.52 -2.74
N ALA A 122 19.97 -15.26 -3.00
CA ALA A 122 20.51 -15.41 -4.30
C ALA A 122 19.75 -16.46 -5.10
N VAL A 123 19.51 -16.15 -6.40
CA VAL A 123 18.87 -17.17 -7.25
C VAL A 123 19.66 -17.22 -8.56
N ASP A 124 19.33 -18.18 -9.43
CA ASP A 124 20.09 -18.25 -10.65
C ASP A 124 19.16 -17.83 -11.79
N PHE A 125 19.14 -16.49 -11.99
CA PHE A 125 18.28 -15.94 -13.03
C PHE A 125 18.94 -16.19 -14.39
N LEU A 126 20.24 -16.00 -14.44
CA LEU A 126 21.02 -16.01 -15.67
C LEU A 126 20.89 -17.35 -16.39
N GLU A 127 20.95 -18.48 -15.71
CA GLU A 127 20.82 -19.81 -16.25
C GLU A 127 19.51 -20.49 -15.94
N CYS A 128 18.82 -20.32 -14.80
CA CYS A 128 17.61 -21.09 -14.58
C CYS A 128 16.48 -20.19 -14.04
N ALA A 129 16.18 -19.19 -14.87
CA ALA A 129 15.15 -18.20 -14.43
C ALA A 129 13.81 -18.80 -14.09
N GLU A 130 13.32 -19.80 -14.84
CA GLU A 130 12.01 -20.38 -14.50
C GLU A 130 12.01 -21.05 -13.15
N GLU A 131 13.13 -21.81 -12.91
CA GLU A 131 13.29 -22.41 -11.60
C GLU A 131 13.32 -21.32 -10.52
N ALA A 132 13.94 -20.20 -10.75
CA ALA A 132 14.04 -19.11 -9.75
C ALA A 132 12.63 -18.57 -9.49
N ARG A 133 11.95 -18.43 -10.66
CA ARG A 133 10.52 -18.01 -10.55
C ARG A 133 9.80 -18.96 -9.66
N LYS A 134 10.00 -20.28 -9.89
CA LYS A 134 9.23 -21.19 -9.03
C LYS A 134 9.73 -21.18 -7.62
N LYS A 135 11.00 -20.92 -7.28
CA LYS A 135 11.43 -20.86 -5.88
C LYS A 135 10.90 -19.59 -5.19
N ILE A 136 10.79 -18.50 -5.98
CA ILE A 136 10.17 -17.32 -5.33
C ILE A 136 8.73 -17.66 -4.97
N ASN A 137 8.00 -18.29 -5.91
CA ASN A 137 6.59 -18.57 -5.60
C ASN A 137 6.47 -19.58 -4.49
N SER A 138 7.36 -20.54 -4.24
CA SER A 138 7.18 -21.42 -3.08
C SER A 138 7.45 -20.70 -1.76
N TRP A 139 8.43 -19.80 -1.80
CA TRP A 139 8.67 -19.06 -0.55
C TRP A 139 7.43 -18.21 -0.23
N VAL A 140 6.83 -17.54 -1.21
CA VAL A 140 5.68 -16.68 -0.98
C VAL A 140 4.52 -17.54 -0.47
N LYS A 141 4.12 -18.54 -1.26
CA LYS A 141 3.08 -19.47 -0.84
C LYS A 141 3.35 -19.98 0.57
N THR A 142 4.57 -20.39 0.87
CA THR A 142 4.87 -20.86 2.22
C THR A 142 4.61 -19.75 3.20
N GLN A 143 5.34 -18.64 3.23
CA GLN A 143 5.12 -17.53 4.14
C GLN A 143 3.71 -16.92 4.25
N THR A 144 2.79 -17.15 3.34
CA THR A 144 1.47 -16.55 3.37
C THR A 144 0.44 -17.64 3.64
N LYS A 145 0.98 -18.78 4.08
CA LYS A 145 0.17 -19.95 4.40
C LYS A 145 -0.89 -20.17 3.34
N GLY A 146 -0.52 -20.41 2.11
CA GLY A 146 -1.35 -20.70 0.98
C GLY A 146 -2.13 -19.58 0.35
N LYS A 147 -2.23 -18.38 0.95
CA LYS A 147 -3.08 -17.37 0.29
C LYS A 147 -2.56 -17.03 -1.09
N ILE A 148 -1.23 -16.99 -1.29
CA ILE A 148 -0.67 -16.69 -2.59
C ILE A 148 0.24 -17.82 -3.08
N PRO A 149 -0.32 -18.79 -3.75
CA PRO A 149 0.45 -19.89 -4.31
C PRO A 149 1.36 -19.51 -5.44
N ASN A 150 1.07 -18.52 -6.27
CA ASN A 150 1.81 -18.10 -7.44
C ASN A 150 1.90 -16.60 -7.61
N LEU A 151 2.50 -15.92 -6.64
CA LEU A 151 2.73 -14.47 -6.75
C LEU A 151 3.27 -14.08 -8.11
N LEU A 152 4.38 -14.69 -8.60
CA LEU A 152 4.91 -14.29 -9.89
C LEU A 152 4.39 -15.23 -10.98
N PRO A 153 4.12 -14.68 -12.16
CA PRO A 153 3.52 -15.47 -13.25
C PRO A 153 4.43 -15.84 -14.39
N GLU A 154 4.06 -16.83 -15.17
CA GLU A 154 4.71 -17.42 -16.30
C GLU A 154 5.97 -16.85 -16.92
N GLY A 155 6.07 -15.59 -17.25
CA GLY A 155 7.27 -15.07 -17.93
C GLY A 155 7.69 -13.77 -17.27
N SER A 156 7.28 -13.57 -16.02
CA SER A 156 7.67 -12.34 -15.33
C SER A 156 9.16 -12.28 -15.05
N VAL A 157 9.94 -13.36 -15.18
CA VAL A 157 11.41 -13.28 -14.98
C VAL A 157 12.05 -14.12 -16.07
N ASP A 158 13.21 -13.81 -16.58
CA ASP A 158 13.89 -14.57 -17.58
C ASP A 158 15.37 -14.33 -17.36
N GLY A 159 16.16 -14.68 -18.36
CA GLY A 159 17.57 -14.50 -18.33
C GLY A 159 18.06 -13.08 -18.17
N ASP A 160 17.21 -12.11 -18.50
CA ASP A 160 17.59 -10.73 -18.32
C ASP A 160 17.26 -10.32 -16.88
N THR A 161 16.44 -11.04 -16.13
CA THR A 161 16.18 -10.54 -14.75
C THR A 161 17.41 -10.45 -13.91
N ARG A 162 17.58 -9.43 -13.08
CA ARG A 162 18.69 -9.37 -12.17
C ARG A 162 18.30 -9.36 -10.71
N MET A 163 17.18 -8.70 -10.42
CA MET A 163 16.81 -8.52 -9.00
C MET A 163 15.34 -8.21 -8.91
N VAL A 164 14.60 -8.87 -8.05
CA VAL A 164 13.20 -8.55 -7.91
C VAL A 164 12.91 -8.45 -6.42
N LEU A 165 11.99 -7.60 -6.06
CA LEU A 165 11.52 -7.45 -4.67
C LEU A 165 10.05 -7.93 -4.65
N VAL A 166 9.75 -8.75 -3.64
CA VAL A 166 8.38 -9.22 -3.47
C VAL A 166 7.93 -8.75 -2.11
N ASN A 167 6.63 -8.40 -2.03
CA ASN A 167 6.04 -7.89 -0.78
C ASN A 167 4.54 -8.19 -0.71
N ALA A 168 4.05 -8.94 0.27
CA ALA A 168 2.63 -9.36 0.28
C ALA A 168 2.11 -9.02 1.68
N VAL A 169 0.93 -8.42 1.79
CA VAL A 169 0.58 -7.91 3.12
C VAL A 169 -0.90 -8.27 3.34
N TYR A 170 -1.26 -8.60 4.58
CA TYR A 170 -2.66 -8.95 4.81
C TYR A 170 -3.17 -8.31 6.08
N PHE A 171 -4.39 -7.81 6.00
CA PHE A 171 -4.97 -7.14 7.15
C PHE A 171 -6.43 -7.61 7.30
N LYS A 172 -6.78 -7.80 8.53
CA LYS A 172 -8.15 -8.12 8.98
C LYS A 172 -8.24 -7.64 10.42
N GLY A 173 -8.98 -6.55 10.70
CA GLY A 173 -9.00 -6.10 12.10
C GLY A 173 -10.29 -6.58 12.76
N LYS A 174 -10.40 -6.27 14.04
CA LYS A 174 -11.55 -6.42 14.90
C LYS A 174 -12.09 -5.03 15.23
N TRP A 175 -13.28 -4.76 14.67
CA TRP A 175 -13.92 -3.49 14.89
C TRP A 175 -14.15 -3.25 16.40
N LYS A 176 -14.13 -2.00 16.80
CA LYS A 176 -14.34 -1.64 18.21
C LYS A 176 -15.80 -1.94 18.57
N THR A 177 -16.70 -1.77 17.63
CA THR A 177 -18.08 -2.17 17.77
C THR A 177 -18.46 -3.07 16.59
N PRO A 178 -18.92 -4.28 16.88
CA PRO A 178 -19.41 -5.20 15.87
C PRO A 178 -20.43 -4.57 14.97
N PHE A 179 -20.48 -4.88 13.66
CA PHE A 179 -21.58 -4.41 12.85
C PHE A 179 -22.75 -5.45 13.02
N GLU A 180 -23.93 -5.11 12.53
CA GLU A 180 -24.97 -6.11 12.35
C GLU A 180 -25.08 -6.53 10.88
N LYS A 181 -25.14 -7.82 10.64
CA LYS A 181 -25.27 -8.32 9.27
C LYS A 181 -26.73 -8.09 8.86
N LYS A 182 -27.03 -7.19 7.94
CA LYS A 182 -28.42 -6.94 7.57
C LYS A 182 -29.11 -8.24 7.13
N LEU A 186 -29.62 -8.36 0.25
CA LEU A 186 -28.59 -7.83 -0.62
C LEU A 186 -28.97 -6.47 -1.19
N TYR A 187 -28.20 -5.44 -0.88
CA TYR A 187 -28.52 -4.10 -1.34
C TYR A 187 -27.80 -3.85 -2.69
N PRO A 188 -28.41 -2.99 -3.49
CA PRO A 188 -27.82 -2.56 -4.72
C PRO A 188 -26.67 -1.59 -4.44
N PHE A 189 -25.49 -2.03 -4.89
CA PHE A 189 -24.33 -1.11 -4.79
C PHE A 189 -24.16 -0.53 -6.17
N ARG A 190 -24.10 0.78 -6.31
CA ARG A 190 -23.91 1.35 -7.60
C ARG A 190 -22.45 1.38 -8.07
N VAL A 191 -22.14 0.62 -9.10
CA VAL A 191 -20.82 0.59 -9.68
C VAL A 191 -20.58 1.77 -10.58
N ASN A 192 -21.62 2.15 -11.35
CA ASN A 192 -21.48 3.29 -12.30
C ASN A 192 -22.88 3.74 -12.71
N SER A 193 -23.05 4.71 -13.55
CA SER A 193 -24.42 5.20 -13.82
C SER A 193 -25.25 4.16 -14.57
N ALA A 194 -24.77 3.03 -15.10
CA ALA A 194 -25.66 2.06 -15.73
C ALA A 194 -25.66 0.75 -14.96
N GLN A 195 -24.91 0.58 -13.87
CA GLN A 195 -24.70 -0.79 -13.38
C GLN A 195 -24.68 -0.83 -11.87
N ARG A 196 -25.42 -1.78 -11.33
CA ARG A 196 -25.52 -1.95 -9.89
C ARG A 196 -25.32 -3.43 -9.59
N THR A 197 -24.73 -3.79 -8.45
CA THR A 197 -24.43 -5.13 -8.06
C THR A 197 -24.88 -5.27 -6.61
N PRO A 198 -25.57 -6.36 -6.35
CA PRO A 198 -26.10 -6.62 -5.02
C PRO A 198 -24.97 -6.94 -4.05
N VAL A 199 -24.96 -6.35 -2.86
CA VAL A 199 -23.91 -6.62 -1.90
C VAL A 199 -24.59 -6.91 -0.54
N GLN A 200 -23.93 -7.67 0.30
CA GLN A 200 -24.38 -7.85 1.68
C GLN A 200 -23.99 -6.62 2.47
N MET A 201 -24.87 -5.85 3.08
CA MET A 201 -24.56 -4.67 3.84
C MET A 201 -24.50 -5.00 5.33
N MET A 202 -23.72 -4.24 6.08
CA MET A 202 -23.53 -4.41 7.50
C MET A 202 -23.98 -3.07 8.06
N TYR A 203 -24.62 -3.13 9.24
CA TYR A 203 -25.18 -1.86 9.73
C TYR A 203 -24.70 -1.60 11.14
N LEU A 204 -24.55 -0.35 11.52
CA LEU A 204 -24.06 -0.04 12.88
C LEU A 204 -24.54 1.34 13.24
N ARG A 205 -25.04 1.54 14.45
CA ARG A 205 -25.48 2.85 14.92
C ARG A 205 -24.52 3.06 16.14
N GLU A 206 -23.73 4.13 16.07
CA GLU A 206 -22.72 4.29 17.13
C GLU A 206 -22.22 5.71 17.15
N LYS A 207 -21.63 6.18 18.26
CA LYS A 207 -21.06 7.51 18.28
C LYS A 207 -19.68 7.35 17.58
N LEU A 208 -19.42 8.17 16.58
CA LEU A 208 -18.27 7.97 15.68
C LEU A 208 -17.83 9.34 15.24
N ASN A 209 -16.58 9.53 14.86
CA ASN A 209 -16.16 10.84 14.34
C ASN A 209 -16.60 10.95 12.88
N ILE A 210 -17.21 12.03 12.42
CA ILE A 210 -17.67 12.00 11.03
C ILE A 210 -17.47 13.42 10.60
N GLY A 211 -17.22 13.68 9.37
CA GLY A 211 -17.03 15.00 8.86
C GLY A 211 -17.62 15.14 7.47
N TYR A 212 -17.68 16.39 7.03
CA TYR A 212 -18.24 16.70 5.75
C TYR A 212 -17.27 17.64 5.08
N ILE A 213 -16.85 17.34 3.89
CA ILE A 213 -15.92 18.17 3.11
C ILE A 213 -16.78 18.97 2.14
N GLU A 214 -17.05 20.21 2.50
CA GLU A 214 -17.93 21.12 1.80
C GLU A 214 -17.68 21.32 0.33
N ASP A 215 -16.44 21.64 0.04
CA ASP A 215 -16.04 21.91 -1.33
C ASP A 215 -16.14 20.69 -2.25
N LEU A 216 -15.91 19.48 -1.79
CA LEU A 216 -16.00 18.29 -2.64
C LEU A 216 -17.27 17.45 -2.47
N LYS A 217 -18.17 17.94 -1.59
CA LYS A 217 -19.46 17.37 -1.32
C LYS A 217 -19.40 15.88 -0.99
N ALA A 218 -18.70 15.57 0.09
CA ALA A 218 -18.44 14.21 0.50
C ALA A 218 -18.39 14.05 1.99
N GLN A 219 -18.70 12.89 2.48
CA GLN A 219 -18.61 12.59 3.90
C GLN A 219 -17.29 11.86 4.16
N ILE A 220 -16.69 12.00 5.34
CA ILE A 220 -15.54 11.24 5.76
C ILE A 220 -15.90 10.60 7.10
N LEU A 221 -15.64 9.34 7.36
CA LEU A 221 -16.02 8.71 8.63
C LEU A 221 -14.87 7.90 9.15
N GLU A 222 -14.68 7.88 10.47
CA GLU A 222 -13.69 7.02 11.07
C GLU A 222 -14.42 5.87 11.78
N LEU A 223 -14.08 4.66 11.42
CA LEU A 223 -14.38 3.39 11.96
C LEU A 223 -13.15 2.80 12.61
N PRO A 224 -13.22 2.85 13.97
CA PRO A 224 -12.09 2.38 14.74
C PRO A 224 -12.06 0.88 14.81
N TYR A 225 -10.85 0.35 14.80
CA TYR A 225 -10.59 -1.02 15.19
C TYR A 225 -10.01 -0.89 16.60
N ALA A 226 -9.92 -1.97 17.33
CA ALA A 226 -9.38 -2.06 18.68
C ALA A 226 -8.09 -1.35 19.00
N GLY A 227 -6.92 -1.90 18.81
CA GLY A 227 -5.64 -1.30 19.08
C GLY A 227 -5.27 0.03 18.47
N ASP A 228 -6.13 1.01 18.29
CA ASP A 228 -5.75 2.34 17.83
C ASP A 228 -5.36 2.30 16.34
N VAL A 229 -6.03 1.47 15.59
CA VAL A 229 -5.86 1.39 14.12
C VAL A 229 -7.26 1.72 13.58
N SER A 230 -7.41 2.72 12.72
CA SER A 230 -8.76 3.03 12.25
C SER A 230 -8.89 3.05 10.71
N MET A 231 -10.08 2.79 10.23
CA MET A 231 -10.39 2.92 8.81
C MET A 231 -11.04 4.27 8.58
N PHE A 232 -10.47 5.12 7.73
CA PHE A 232 -11.16 6.33 7.37
C PHE A 232 -11.80 6.11 5.96
N LEU A 233 -13.07 6.46 5.80
CA LEU A 233 -13.79 6.20 4.53
C LEU A 233 -14.27 7.51 3.95
N LEU A 234 -13.98 7.80 2.70
CA LEU A 234 -14.34 9.05 2.07
C LEU A 234 -15.39 8.75 0.97
N LEU A 235 -16.60 9.23 1.10
CA LEU A 235 -17.76 8.81 0.29
C LEU A 235 -18.43 10.00 -0.31
N PRO A 236 -18.31 10.25 -1.59
CA PRO A 236 -19.00 11.36 -2.25
C PRO A 236 -20.49 11.36 -1.88
N ASP A 237 -20.98 12.59 -1.74
CA ASP A 237 -22.38 12.85 -1.42
C ASP A 237 -23.00 13.25 -2.76
N GLU A 238 -22.60 14.38 -3.37
CA GLU A 238 -23.14 14.65 -4.70
C GLU A 238 -22.28 13.87 -5.73
N ILE A 239 -22.95 13.35 -6.73
CA ILE A 239 -22.32 12.46 -7.71
C ILE A 239 -22.10 13.25 -8.99
N ALA A 240 -20.81 13.54 -9.25
CA ALA A 240 -20.55 14.54 -10.29
C ALA A 240 -19.92 13.87 -11.51
N ASP A 241 -19.89 12.54 -11.57
CA ASP A 241 -19.36 11.81 -12.73
C ASP A 241 -20.23 10.55 -12.83
N VAL A 242 -20.41 10.07 -14.03
CA VAL A 242 -21.24 8.94 -14.39
C VAL A 242 -20.52 7.60 -14.29
N SER A 243 -19.34 7.66 -13.70
CA SER A 243 -18.51 6.46 -13.56
C SER A 243 -18.54 6.09 -12.10
N THR A 244 -17.41 6.06 -11.40
CA THR A 244 -17.38 5.68 -9.98
C THR A 244 -17.92 6.78 -9.05
N GLY A 245 -17.94 8.03 -9.49
CA GLY A 245 -18.29 9.21 -8.73
C GLY A 245 -17.10 9.69 -7.85
N LEU A 246 -15.89 9.13 -8.07
CA LEU A 246 -14.75 9.46 -7.24
C LEU A 246 -13.80 10.42 -7.92
N GLU A 247 -14.18 10.79 -9.14
CA GLU A 247 -13.26 11.57 -9.97
C GLU A 247 -12.79 12.81 -9.24
N LEU A 248 -13.68 13.62 -8.67
CA LEU A 248 -13.23 14.85 -7.98
C LEU A 248 -12.44 14.57 -6.75
N LEU A 249 -12.85 13.64 -5.85
CA LEU A 249 -12.04 13.37 -4.67
C LEU A 249 -10.60 12.96 -5.06
N GLU A 250 -10.53 12.07 -6.09
CA GLU A 250 -9.22 11.65 -6.60
C GLU A 250 -8.47 12.79 -7.27
N SER A 251 -9.01 13.79 -7.95
CA SER A 251 -8.13 14.83 -8.44
C SER A 251 -7.82 15.81 -7.31
N GLU A 252 -8.60 15.97 -6.25
CA GLU A 252 -8.28 16.95 -5.24
C GLU A 252 -7.54 16.44 -4.02
N ILE A 253 -7.47 15.13 -3.72
CA ILE A 253 -6.85 14.79 -2.44
C ILE A 253 -5.38 15.13 -2.42
N THR A 254 -4.94 15.72 -1.31
CA THR A 254 -3.54 16.12 -1.19
C THR A 254 -3.20 15.84 0.26
N TYR A 255 -1.89 15.85 0.53
CA TYR A 255 -1.44 15.67 1.90
C TYR A 255 -2.14 16.70 2.83
N ASP A 256 -2.06 17.96 2.50
CA ASP A 256 -2.59 19.07 3.30
C ASP A 256 -4.11 19.01 3.49
N LYS A 257 -4.85 18.62 2.47
CA LYS A 257 -6.26 18.40 2.42
C LYS A 257 -6.66 17.20 3.25
N LEU A 258 -6.02 16.07 3.14
CA LEU A 258 -6.35 14.90 3.96
C LEU A 258 -6.12 15.26 5.43
N ASN A 259 -4.96 15.92 5.68
CA ASN A 259 -4.67 16.33 7.07
C ASN A 259 -5.78 17.14 7.71
N LYS A 260 -6.29 18.12 7.00
CA LYS A 260 -7.35 19.01 7.42
C LYS A 260 -8.66 18.24 7.50
N TRP A 261 -8.95 17.35 6.53
CA TRP A 261 -10.18 16.59 6.61
C TRP A 261 -10.28 15.67 7.81
N THR A 262 -9.15 15.17 8.23
CA THR A 262 -9.05 14.26 9.36
C THR A 262 -8.75 15.00 10.65
N SER A 263 -8.62 16.34 10.61
CA SER A 263 -8.37 17.06 11.87
C SER A 263 -9.60 16.98 12.77
N LYS A 264 -9.36 17.00 14.07
CA LYS A 264 -10.36 16.82 15.12
C LYS A 264 -11.40 17.93 15.12
N ASP A 265 -11.09 19.11 14.64
CA ASP A 265 -11.98 20.21 14.39
C ASP A 265 -12.91 19.99 13.22
N LYS A 266 -12.46 19.16 12.27
CA LYS A 266 -13.26 18.96 11.07
C LYS A 266 -14.02 17.66 11.14
N MET A 267 -13.69 16.79 12.08
CA MET A 267 -14.33 15.50 12.23
C MET A 267 -14.89 15.41 13.64
N ALA A 268 -16.17 15.63 13.88
CA ALA A 268 -16.64 15.63 15.27
C ALA A 268 -17.42 14.36 15.56
N GLU A 269 -17.37 13.99 16.86
CA GLU A 269 -18.11 12.81 17.29
C GLU A 269 -19.62 13.09 17.22
N ASP A 270 -20.31 12.06 16.72
CA ASP A 270 -21.78 12.11 16.51
C ASP A 270 -22.39 10.74 16.41
N GLU A 271 -23.67 10.58 16.75
CA GLU A 271 -24.38 9.29 16.64
C GLU A 271 -24.69 9.06 15.17
N VAL A 272 -24.02 8.11 14.48
CA VAL A 272 -24.24 8.02 13.01
C VAL A 272 -24.81 6.65 12.76
N GLU A 273 -25.60 6.53 11.70
CA GLU A 273 -26.04 5.15 11.35
C GLU A 273 -25.20 4.80 10.12
N VAL A 274 -24.50 3.69 10.21
CA VAL A 274 -23.58 3.36 9.14
C VAL A 274 -23.92 2.15 8.30
N TYR A 275 -23.92 2.30 6.99
CA TYR A 275 -24.14 1.11 6.16
C TYR A 275 -22.91 0.96 5.23
N ILE A 276 -22.21 -0.15 5.36
CA ILE A 276 -21.01 -0.38 4.52
C ILE A 276 -21.10 -1.83 4.11
N PRO A 277 -20.62 -2.11 2.92
CA PRO A 277 -20.60 -3.49 2.43
C PRO A 277 -19.58 -4.29 3.19
N GLN A 278 -19.85 -5.58 3.22
CA GLN A 278 -19.01 -6.67 3.55
C GLN A 278 -18.21 -6.87 2.24
N PHE A 279 -16.88 -6.92 2.46
CA PHE A 279 -16.03 -7.09 1.28
C PHE A 279 -14.66 -7.64 1.66
N LYS A 280 -14.03 -8.13 0.60
CA LYS A 280 -12.72 -8.71 0.65
C LYS A 280 -11.95 -8.13 -0.53
N LEU A 281 -10.76 -7.59 -0.35
CA LEU A 281 -10.06 -7.17 -1.58
C LEU A 281 -8.72 -7.90 -1.63
N GLU A 282 -8.27 -8.27 -2.81
CA GLU A 282 -6.98 -8.84 -3.09
C GLU A 282 -6.47 -8.18 -4.37
N GLU A 283 -5.46 -7.32 -4.37
CA GLU A 283 -5.00 -6.78 -5.63
C GLU A 283 -3.49 -7.11 -5.78
N HIS A 284 -3.03 -7.41 -6.96
CA HIS A 284 -1.58 -7.68 -7.14
C HIS A 284 -1.08 -6.68 -8.16
N TYR A 285 0.10 -6.10 -7.93
CA TYR A 285 0.72 -5.14 -8.81
C TYR A 285 2.15 -5.56 -9.17
N GLU A 286 2.64 -5.02 -10.26
CA GLU A 286 4.01 -5.05 -10.77
C GLU A 286 4.31 -3.56 -10.91
N LEU A 287 5.03 -2.93 -9.98
CA LEU A 287 5.10 -1.49 -9.88
C LEU A 287 6.18 -0.79 -10.63
N ARG A 288 6.91 -1.62 -11.40
CA ARG A 288 8.06 -0.97 -12.06
C ARG A 288 7.62 0.23 -12.91
N SER A 289 6.59 0.05 -13.77
CA SER A 289 6.27 1.15 -14.68
C SER A 289 5.65 2.30 -13.90
N ILE A 290 4.98 2.00 -12.79
CA ILE A 290 4.43 3.02 -11.93
C ILE A 290 5.60 3.76 -11.25
N LEU A 291 6.52 2.97 -10.68
CA LEU A 291 7.63 3.72 -10.01
C LEU A 291 8.49 4.56 -10.93
N ARG A 292 8.73 4.06 -12.14
CA ARG A 292 9.47 4.86 -13.13
C ARG A 292 8.68 6.12 -13.50
N SER A 293 7.36 6.00 -13.68
CA SER A 293 6.63 7.27 -14.00
C SER A 293 6.66 8.26 -12.87
N MET A 294 6.75 7.87 -11.60
CA MET A 294 6.92 8.77 -10.47
C MET A 294 8.32 9.38 -10.43
N GLY A 295 9.30 8.91 -11.19
CA GLY A 295 10.67 9.48 -11.13
C GLY A 295 11.72 8.49 -10.67
N MET A 296 11.35 7.21 -10.42
CA MET A 296 12.47 6.34 -9.95
C MET A 296 12.96 5.62 -11.18
N GLU A 297 13.77 6.29 -12.02
CA GLU A 297 14.13 5.67 -13.31
C GLU A 297 15.40 4.81 -13.32
N ASP A 298 16.50 5.34 -12.81
CA ASP A 298 17.79 4.69 -12.82
C ASP A 298 17.77 3.35 -12.10
N ALA A 299 17.00 3.15 -11.03
CA ALA A 299 17.00 1.87 -10.27
C ALA A 299 16.58 0.70 -11.14
N PHE A 300 15.74 0.98 -12.11
CA PHE A 300 15.21 0.03 -13.05
C PHE A 300 15.92 0.03 -14.41
N ASN A 301 16.98 0.81 -14.52
CA ASN A 301 17.64 0.89 -15.86
C ASN A 301 19.01 0.22 -15.78
N LYS A 302 19.08 -0.92 -16.44
CA LYS A 302 20.31 -1.71 -16.57
C LYS A 302 21.52 -0.87 -16.91
N GLY A 303 21.43 0.16 -17.75
CA GLY A 303 22.63 0.95 -18.03
C GLY A 303 23.02 1.99 -17.01
N ARG A 304 22.16 2.32 -16.04
CA ARG A 304 22.46 3.40 -15.11
C ARG A 304 22.33 3.04 -13.64
N ALA A 305 21.58 2.02 -13.30
CA ALA A 305 21.40 1.73 -11.87
C ALA A 305 22.72 1.64 -11.13
N ASN A 306 22.70 2.08 -9.90
CA ASN A 306 23.85 1.95 -9.05
C ASN A 306 23.42 1.28 -7.77
N PHE A 307 23.71 -0.02 -7.66
CA PHE A 307 23.52 -0.80 -6.44
C PHE A 307 24.85 -1.27 -5.86
N SER A 308 25.92 -0.40 -5.93
CA SER A 308 27.25 -0.72 -5.33
C SER A 308 27.21 -0.98 -3.81
N GLY A 309 26.29 -0.29 -3.13
CA GLY A 309 25.99 -0.66 -1.75
C GLY A 309 25.52 -2.10 -1.71
N MET A 310 24.82 -2.72 -2.64
CA MET A 310 24.46 -4.14 -2.44
C MET A 310 25.53 -5.14 -2.88
N SER A 311 26.29 -4.75 -3.90
CA SER A 311 27.10 -5.74 -4.61
C SER A 311 28.29 -5.08 -5.30
N GLU A 312 29.43 -5.77 -5.19
CA GLU A 312 30.60 -5.27 -5.95
C GLU A 312 30.44 -5.46 -7.44
N ARG A 313 29.54 -6.23 -7.98
CA ARG A 313 29.30 -6.45 -9.37
C ARG A 313 28.49 -5.31 -10.01
N ASN A 314 28.95 -4.89 -11.17
CA ASN A 314 28.53 -3.68 -11.81
C ASN A 314 27.12 -3.84 -12.34
N ASP A 315 26.85 -5.07 -12.75
CA ASP A 315 25.65 -5.51 -13.39
C ASP A 315 24.49 -5.92 -12.47
N LEU A 316 23.90 -4.90 -11.84
CA LEU A 316 22.79 -5.27 -10.93
C LEU A 316 21.80 -4.09 -11.04
N PHE A 317 20.59 -4.37 -11.38
CA PHE A 317 19.57 -3.31 -11.37
C PHE A 317 18.29 -3.97 -10.87
N LEU A 318 17.29 -3.13 -10.60
CA LEU A 318 16.00 -3.69 -10.13
C LEU A 318 15.10 -4.02 -11.32
N SER A 319 14.72 -5.27 -11.46
CA SER A 319 13.87 -5.72 -12.58
C SER A 319 12.37 -5.48 -12.35
N GLU A 320 11.98 -5.67 -11.08
CA GLU A 320 10.51 -5.51 -10.81
C GLU A 320 10.18 -5.51 -9.35
N VAL A 321 9.03 -5.02 -8.95
CA VAL A 321 8.53 -4.99 -7.62
C VAL A 321 7.12 -5.61 -7.68
N PHE A 322 7.03 -6.76 -7.03
CA PHE A 322 5.73 -7.42 -6.88
C PHE A 322 5.12 -7.03 -5.56
N HIS A 323 3.92 -6.45 -5.53
CA HIS A 323 3.24 -6.08 -4.32
C HIS A 323 1.83 -6.72 -4.30
N GLN A 324 1.56 -7.48 -3.26
CA GLN A 324 0.18 -7.96 -3.10
C GLN A 324 -0.37 -7.49 -1.77
N ALA A 325 -1.64 -6.90 -1.85
CA ALA A 325 -2.25 -6.52 -0.60
C ALA A 325 -3.68 -7.10 -0.50
N MET A 326 -4.02 -7.54 0.70
CA MET A 326 -5.34 -8.16 0.86
C MET A 326 -5.97 -7.73 2.18
N VAL A 327 -7.29 -7.47 2.08
CA VAL A 327 -8.03 -7.10 3.28
C VAL A 327 -9.36 -7.85 3.28
N ASP A 328 -9.80 -8.20 4.48
CA ASP A 328 -11.08 -8.87 4.66
C ASP A 328 -11.95 -7.96 5.50
N VAL A 329 -13.05 -7.44 5.00
CA VAL A 329 -13.80 -6.54 5.84
C VAL A 329 -15.16 -7.22 6.14
N ASN A 330 -15.37 -7.55 7.41
CA ASN A 330 -16.61 -8.24 7.83
C ASN A 330 -17.12 -7.67 9.12
N GLU A 331 -18.13 -8.28 9.76
CA GLU A 331 -18.77 -7.62 10.89
C GLU A 331 -18.15 -7.81 12.25
N GLU A 332 -17.26 -8.77 12.43
CA GLU A 332 -16.67 -9.12 13.71
C GLU A 332 -15.92 -7.98 14.38
N GLY A 333 -16.35 -7.69 15.60
CA GLY A 333 -15.82 -6.64 16.43
C GLY A 333 -15.43 -7.25 17.79
N THR A 334 -15.08 -6.42 18.77
CA THR A 334 -14.67 -6.98 20.08
C THR A 334 -15.88 -7.10 20.99
N GLY A 352 -30.40 11.65 12.53
CA GLY A 352 -28.93 11.79 12.84
C GLY A 352 -28.23 11.50 11.51
N PRO A 353 -26.93 11.73 11.45
CA PRO A 353 -26.17 11.53 10.23
C PRO A 353 -26.23 10.08 9.76
N GLN A 354 -26.32 9.95 8.44
CA GLN A 354 -26.37 8.74 7.68
C GLN A 354 -25.03 8.61 6.88
N PHE A 355 -24.38 7.45 6.95
CA PHE A 355 -23.22 7.23 6.06
C PHE A 355 -23.56 5.95 5.31
N VAL A 356 -24.06 6.07 4.10
CA VAL A 356 -24.47 4.83 3.39
C VAL A 356 -23.51 4.54 2.24
N ALA A 357 -22.68 3.53 2.43
CA ALA A 357 -21.62 3.36 1.36
C ALA A 357 -22.09 2.37 0.33
N ASP A 358 -23.09 2.74 -0.47
CA ASP A 358 -23.72 1.88 -1.44
C ASP A 358 -23.32 2.36 -2.82
N HIS A 359 -22.18 3.05 -2.83
CA HIS A 359 -21.53 3.53 -4.04
C HIS A 359 -20.03 3.72 -3.75
N PRO A 360 -19.21 3.95 -4.78
CA PRO A 360 -17.77 3.77 -4.51
C PRO A 360 -17.21 4.69 -3.41
N PHE A 361 -16.12 4.25 -2.75
CA PHE A 361 -15.49 5.16 -1.82
C PHE A 361 -13.96 4.90 -1.85
N LEU A 362 -13.23 5.92 -1.39
CA LEU A 362 -11.84 5.67 -1.03
C LEU A 362 -11.73 5.34 0.45
N PHE A 363 -10.72 4.55 0.84
CA PHE A 363 -10.63 4.32 2.27
C PHE A 363 -9.12 4.21 2.61
N LEU A 364 -8.84 4.42 3.90
CA LEU A 364 -7.43 4.12 4.29
C LEU A 364 -7.51 3.52 5.69
N ILE A 365 -6.48 2.73 6.02
CA ILE A 365 -6.28 2.17 7.32
C ILE A 365 -5.06 2.86 7.95
N MET A 366 -5.26 3.47 9.10
CA MET A 366 -4.32 4.32 9.78
C MET A 366 -3.87 3.79 11.16
N HIS A 367 -2.56 3.80 11.38
CA HIS A 367 -1.98 3.49 12.67
C HIS A 367 -2.02 4.81 13.48
N LYS A 368 -3.01 4.96 14.37
CA LYS A 368 -3.24 6.30 14.93
C LYS A 368 -2.07 6.86 15.77
N ILE A 369 -1.34 6.04 16.49
CA ILE A 369 -0.25 6.56 17.34
C ILE A 369 0.89 7.17 16.53
N THR A 370 1.25 6.51 15.43
CA THR A 370 2.30 7.03 14.51
C THR A 370 1.78 7.97 13.43
N ASN A 371 0.46 7.82 13.20
CA ASN A 371 -0.16 8.53 12.10
C ASN A 371 0.45 7.95 10.78
N CYS A 372 0.65 6.66 10.71
CA CYS A 372 1.14 6.02 9.48
C CYS A 372 0.01 5.36 8.67
N ILE A 373 -0.08 5.69 7.37
CA ILE A 373 -1.10 4.98 6.59
C ILE A 373 -0.59 3.58 6.32
N LEU A 374 -1.28 2.59 6.85
CA LEU A 374 -0.87 1.23 6.58
C LEU A 374 -1.38 0.74 5.23
N PHE A 375 -2.63 1.06 4.89
CA PHE A 375 -3.21 0.64 3.61
C PHE A 375 -4.01 1.76 3.00
N PHE A 376 -4.20 1.71 1.69
CA PHE A 376 -5.02 2.75 1.04
C PHE A 376 -5.72 2.04 -0.11
N GLY A 377 -7.00 2.37 -0.38
CA GLY A 377 -7.67 1.58 -1.39
C GLY A 377 -8.90 2.34 -1.93
N ARG A 378 -9.37 1.84 -3.06
CA ARG A 378 -10.62 2.26 -3.71
C ARG A 378 -11.51 1.00 -3.78
N PHE A 379 -12.67 1.03 -3.23
CA PHE A 379 -13.71 0.00 -3.31
C PHE A 379 -14.78 0.53 -4.26
N SER A 380 -14.77 -0.05 -5.45
CA SER A 380 -15.75 0.38 -6.47
C SER A 380 -16.62 -0.72 -7.01
N SER A 381 -16.12 -1.95 -6.95
CA SER A 381 -16.72 -3.07 -7.67
C SER A 381 -16.78 -4.36 -6.89
N PRO A 382 -18.05 -4.50 -6.27
CA PRO A 382 -18.22 -5.70 -5.46
C PRO A 382 -18.06 -7.02 -6.20
#